data_7ZF8
#
_entry.id   7ZF8
#
_cell.length_a   194.225
_cell.length_b   84.933
_cell.length_c   58.421
_cell.angle_alpha   90.000
_cell.angle_beta   101.021
_cell.angle_gamma   90.000
#
_symmetry.space_group_name_H-M   'C 1 2 1'
#
loop_
_entity.id
_entity.type
_entity.pdbx_description
1 polymer 'COVOX-150 heavy chain'
2 polymer 'COVOX-150 light chain'
3 polymer 'Spike protein S1'
#
loop_
_entity_poly.entity_id
_entity_poly.type
_entity_poly.pdbx_seq_one_letter_code
_entity_poly.pdbx_strand_id
1 'polypeptide(L)'
;QVQLVESGGGLIQPGGSLRLSCAASGVTVSSNYMSWVRQAPGKGLEWVSIIYSGGTTYYADSVKGRFTISRDSSMNTLYL
QMNSLRAEDTAVYYCARDLMVYGIDVWGQGTTVTVSSASTKGPSVFPLAPSSKSTSGGTAALGCLVKDYFPEPVTVSWNS
GALTSGVHTFPAVLQSSGLYSLSSVVTVPSSSLGTQTYICNVNHKPSNTKVDKKVEPKSCDK
;
H
2 'polypeptide(L)'
;EIVMTQSPSSLSASVGDRVTITCRASQGISSYLAWYQQKPGKAPKLLIYAASTLQSGVPSRFSGSGSGTDFTLTISSLQP
EDFATYYCQQLDSYPPGYTFGQGTKVDIKRTVAAPSVFIFPPSDEQLKSGTASVVCLLNNFYPREAKVQWKVDNALQSGN
SQESVTEQDSKDSTYSLSSTLTLSKADYEKHKVYACEVTHQGLSSPVTKSFNRGEC
;
L
3 'polypeptide(L)'
;HHHHHHTNLCPFDEVFNATRFASVYAWNRKRISNCVADYSVLYNFAPFFAFKCYGVSPTKLNDLCFTNVYADSFVIRGNE
VSQIAPGQTGNIADYNYKLPDDFTGCVIAWNSNKLDSKVGGNYNYLYRLFRKSNLKPFERDISTEIYQAGNKPCNGVAGF
NCYFPLRSYGFRPTYGVGHQPYRVVVLSFELLHAPATVCGKK
;
E
#
# COMPACT_ATOMS: atom_id res chain seq x y z
N GLN A 1 -13.16 -5.40 -22.85
CA GLN A 1 -12.05 -4.57 -22.39
C GLN A 1 -12.29 -4.02 -21.00
N VAL A 2 -11.72 -4.69 -20.00
CA VAL A 2 -11.81 -4.27 -18.61
C VAL A 2 -10.46 -3.68 -18.22
N GLN A 3 -10.40 -2.36 -18.04
CA GLN A 3 -9.13 -1.71 -17.77
C GLN A 3 -9.38 -0.37 -17.07
N LEU A 4 -8.33 0.11 -16.40
CA LEU A 4 -8.30 1.44 -15.80
C LEU A 4 -7.11 2.19 -16.38
N VAL A 5 -7.35 3.40 -16.86
CA VAL A 5 -6.33 4.20 -17.54
C VAL A 5 -6.14 5.50 -16.76
N GLU A 6 -4.97 5.65 -16.14
CA GLU A 6 -4.65 6.85 -15.39
C GLU A 6 -4.03 7.91 -16.29
N SER A 7 -4.21 9.16 -15.91
CA SER A 7 -3.58 10.30 -16.57
C SER A 7 -3.58 11.47 -15.60
N GLY A 8 -2.89 12.54 -15.98
CA GLY A 8 -2.84 13.75 -15.20
C GLY A 8 -1.59 13.94 -14.37
N GLY A 9 -0.77 12.90 -14.21
CA GLY A 9 0.47 13.04 -13.45
C GLY A 9 1.48 13.92 -14.15
N GLY A 10 2.56 14.20 -13.43
CA GLY A 10 3.62 15.03 -13.99
C GLY A 10 4.45 15.67 -12.88
N LEU A 11 5.22 16.67 -13.28
CA LEU A 11 6.08 17.40 -12.37
C LEU A 11 5.37 18.64 -11.85
N ILE A 12 5.54 18.92 -10.56
CA ILE A 12 4.88 20.06 -9.94
C ILE A 12 5.69 20.46 -8.71
N GLN A 13 5.68 21.75 -8.38
CA GLN A 13 6.41 22.26 -7.24
C GLN A 13 5.63 22.03 -5.94
N PRO A 14 6.32 21.98 -4.80
CA PRO A 14 5.62 21.78 -3.54
C PRO A 14 4.66 22.93 -3.24
N GLY A 15 3.50 22.58 -2.70
CA GLY A 15 2.42 23.51 -2.48
C GLY A 15 1.41 23.60 -3.61
N GLY A 16 1.77 23.12 -4.80
CA GLY A 16 0.92 23.22 -5.96
C GLY A 16 -0.22 22.22 -5.93
N SER A 17 -0.98 22.21 -7.03
CA SER A 17 -2.16 21.36 -7.16
C SER A 17 -2.05 20.52 -8.42
N LEU A 18 -2.70 19.35 -8.38
CA LEU A 18 -2.66 18.41 -9.49
C LEU A 18 -3.90 17.53 -9.43
N ARG A 19 -4.48 17.24 -10.59
CA ARG A 19 -5.69 16.43 -10.69
C ARG A 19 -5.41 15.21 -11.53
N LEU A 20 -5.63 14.02 -10.95
CA LEU A 20 -5.45 12.77 -11.64
C LEU A 20 -6.78 12.23 -12.14
N SER A 21 -6.76 11.57 -13.29
CA SER A 21 -7.94 10.99 -13.89
C SER A 21 -7.76 9.49 -14.04
N CYS A 22 -8.89 8.77 -14.03
CA CYS A 22 -8.89 7.31 -14.10
C CYS A 22 -10.06 6.89 -14.99
N ALA A 23 -9.78 6.72 -16.27
CA ALA A 23 -10.81 6.34 -17.23
C ALA A 23 -11.04 4.83 -17.17
N ALA A 24 -12.28 4.43 -16.90
CA ALA A 24 -12.63 3.03 -16.75
C ALA A 24 -13.48 2.56 -17.93
N SER A 25 -13.29 1.30 -18.30
CA SER A 25 -14.14 0.63 -19.28
C SER A 25 -14.33 -0.80 -18.81
N GLY A 26 -15.58 -1.26 -18.78
CA GLY A 26 -15.89 -2.56 -18.24
C GLY A 26 -16.38 -2.46 -16.81
N VAL A 27 -15.63 -1.77 -15.96
CA VAL A 27 -16.02 -1.52 -14.59
C VAL A 27 -16.71 -0.16 -14.51
N THR A 28 -17.88 -0.13 -13.88
CA THR A 28 -18.62 1.11 -13.69
C THR A 28 -18.17 1.75 -12.37
N VAL A 29 -17.61 2.96 -12.46
CA VAL A 29 -16.97 3.59 -11.31
C VAL A 29 -17.99 3.90 -10.22
N SER A 30 -19.18 4.39 -10.60
CA SER A 30 -20.18 4.75 -9.61
C SER A 30 -20.84 3.55 -8.95
N SER A 31 -20.48 2.32 -9.35
CA SER A 31 -21.09 1.12 -8.80
C SER A 31 -20.13 0.29 -7.96
N ASN A 32 -18.89 0.73 -7.79
CA ASN A 32 -17.88 -0.06 -7.11
C ASN A 32 -17.22 0.74 -6.00
N TYR A 33 -16.41 0.04 -5.20
CA TYR A 33 -15.45 0.69 -4.31
C TYR A 33 -14.22 1.04 -5.14
N MET A 34 -13.98 2.33 -5.33
CA MET A 34 -12.86 2.81 -6.13
C MET A 34 -11.82 3.44 -5.21
N SER A 35 -10.57 3.00 -5.34
CA SER A 35 -9.50 3.43 -4.46
C SER A 35 -8.32 3.96 -5.25
N TRP A 36 -7.57 4.86 -4.62
CA TRP A 36 -6.29 5.32 -5.13
C TRP A 36 -5.18 4.74 -4.25
N VAL A 37 -4.20 4.11 -4.89
CA VAL A 37 -3.04 3.56 -4.20
C VAL A 37 -1.79 4.14 -4.84
N ARG A 38 -0.83 4.57 -4.02
CA ARG A 38 0.41 5.14 -4.50
C ARG A 38 1.59 4.33 -3.98
N GLN A 39 2.73 4.48 -4.67
CA GLN A 39 3.92 3.71 -4.34
C GLN A 39 5.14 4.59 -4.61
N ALA A 40 5.74 5.10 -3.53
CA ALA A 40 6.94 5.91 -3.66
C ALA A 40 8.09 5.06 -4.21
N PRO A 41 9.12 5.69 -4.79
CA PRO A 41 10.24 4.93 -5.36
C PRO A 41 10.91 4.04 -4.31
N GLY A 42 10.90 2.73 -4.59
CA GLY A 42 11.55 1.76 -3.73
C GLY A 42 10.77 1.37 -2.49
N LYS A 43 9.61 1.96 -2.25
CA LYS A 43 8.80 1.67 -1.08
C LYS A 43 7.61 0.80 -1.46
N GLY A 44 6.79 0.47 -0.47
CA GLY A 44 5.63 -0.36 -0.67
C GLY A 44 4.43 0.43 -1.15
N LEU A 45 3.31 -0.27 -1.25
CA LEU A 45 2.06 0.34 -1.66
C LEU A 45 1.42 1.06 -0.47
N GLU A 46 0.91 2.26 -0.73
CA GLU A 46 0.24 3.07 0.29
C GLU A 46 -1.15 3.44 -0.19
N TRP A 47 -2.17 3.02 0.57
CA TRP A 47 -3.53 3.39 0.24
C TRP A 47 -3.75 4.88 0.50
N VAL A 48 -4.48 5.53 -0.41
CA VAL A 48 -4.69 6.97 -0.33
C VAL A 48 -6.14 7.27 0.04
N SER A 49 -7.05 6.98 -0.88
CA SER A 49 -8.45 7.34 -0.69
C SER A 49 -9.35 6.26 -1.28
N ILE A 50 -10.62 6.28 -0.86
CA ILE A 50 -11.64 5.39 -1.40
C ILE A 50 -12.95 6.15 -1.48
N ILE A 51 -13.78 5.77 -2.44
CA ILE A 51 -15.13 6.32 -2.58
C ILE A 51 -16.10 5.15 -2.74
N TYR A 52 -17.06 5.05 -1.83
CA TYR A 52 -18.05 3.99 -1.93
C TYR A 52 -19.02 4.27 -3.08
N SER A 53 -19.69 3.23 -3.53
CA SER A 53 -20.71 3.39 -4.57
C SER A 53 -21.85 4.29 -4.11
N GLY A 54 -22.08 4.39 -2.80
CA GLY A 54 -23.09 5.25 -2.25
C GLY A 54 -22.67 6.67 -1.96
N GLY A 55 -21.40 7.01 -2.19
CA GLY A 55 -20.91 8.36 -2.01
C GLY A 55 -19.99 8.55 -0.82
N THR A 56 -19.90 7.57 0.07
CA THR A 56 -19.03 7.70 1.24
C THR A 56 -17.56 7.69 0.81
N THR A 57 -16.80 8.66 1.31
CA THR A 57 -15.39 8.78 1.00
C THR A 57 -14.56 8.64 2.27
N TYR A 58 -13.32 8.20 2.09
CA TYR A 58 -12.38 8.01 3.18
C TYR A 58 -10.99 8.37 2.70
N TYR A 59 -10.17 8.90 3.61
CA TYR A 59 -8.83 9.37 3.26
C TYR A 59 -7.83 8.92 4.31
N ALA A 60 -6.59 8.70 3.86
CA ALA A 60 -5.50 8.44 4.78
C ALA A 60 -5.13 9.71 5.54
N ASP A 61 -4.57 9.53 6.73
CA ASP A 61 -4.24 10.67 7.59
C ASP A 61 -3.25 11.61 6.89
N SER A 62 -2.30 11.06 6.14
CA SER A 62 -1.28 11.88 5.50
C SER A 62 -1.85 12.76 4.39
N VAL A 63 -3.06 12.48 3.92
CA VAL A 63 -3.65 13.21 2.80
C VAL A 63 -4.97 13.87 3.15
N LYS A 64 -5.41 13.80 4.41
CA LYS A 64 -6.65 14.45 4.80
C LYS A 64 -6.53 15.96 4.68
N GLY A 65 -7.61 16.61 4.25
CA GLY A 65 -7.61 18.03 4.03
C GLY A 65 -6.85 18.50 2.81
N ARG A 66 -6.07 17.63 2.17
CA ARG A 66 -5.33 17.97 0.97
C ARG A 66 -5.81 17.25 -0.27
N PHE A 67 -6.17 15.98 -0.16
CA PHE A 67 -6.67 15.21 -1.29
C PHE A 67 -8.18 15.06 -1.17
N THR A 68 -8.86 15.08 -2.31
CA THR A 68 -10.31 14.92 -2.38
C THR A 68 -10.63 14.02 -3.57
N ILE A 69 -11.26 12.88 -3.29
CA ILE A 69 -11.61 11.91 -4.32
C ILE A 69 -13.00 12.25 -4.84
N SER A 70 -13.21 12.02 -6.13
CA SER A 70 -14.47 12.36 -6.78
C SER A 70 -14.65 11.45 -8.00
N ARG A 71 -15.79 11.60 -8.66
CA ARG A 71 -16.07 10.81 -9.84
C ARG A 71 -17.10 11.56 -10.69
N ASP A 72 -17.11 11.23 -11.98
CA ASP A 72 -18.10 11.74 -12.92
C ASP A 72 -18.76 10.53 -13.58
N SER A 73 -20.00 10.25 -13.19
CA SER A 73 -20.66 9.03 -13.68
C SER A 73 -20.84 9.07 -15.19
N SER A 74 -21.13 10.24 -15.76
CA SER A 74 -21.33 10.34 -17.19
C SER A 74 -20.06 10.04 -17.96
N MET A 75 -18.90 10.33 -17.38
CA MET A 75 -17.62 10.02 -18.00
C MET A 75 -17.09 8.64 -17.65
N ASN A 76 -17.66 8.00 -16.62
CA ASN A 76 -17.12 6.76 -16.06
C ASN A 76 -15.64 6.93 -15.73
N THR A 77 -15.37 7.94 -14.92
CA THR A 77 -14.01 8.36 -14.61
C THR A 77 -13.88 8.63 -13.12
N LEU A 78 -12.76 8.19 -12.54
CA LEU A 78 -12.40 8.49 -11.16
C LEU A 78 -11.38 9.61 -11.14
N TYR A 79 -11.47 10.49 -10.15
CA TYR A 79 -10.58 11.63 -10.03
C TYR A 79 -9.94 11.65 -8.65
N LEU A 80 -8.77 12.28 -8.57
CA LEU A 80 -8.09 12.54 -7.30
C LEU A 80 -7.51 13.95 -7.36
N GLN A 81 -8.15 14.90 -6.68
CA GLN A 81 -7.67 16.26 -6.61
C GLN A 81 -6.64 16.38 -5.50
N MET A 82 -5.40 16.69 -5.87
CA MET A 82 -4.29 16.77 -4.92
C MET A 82 -3.90 18.24 -4.76
N ASN A 83 -4.15 18.78 -3.57
CA ASN A 83 -3.80 20.16 -3.24
C ASN A 83 -2.74 20.17 -2.15
N SER A 84 -1.99 21.28 -2.10
CA SER A 84 -0.90 21.46 -1.14
C SER A 84 0.06 20.28 -1.17
N LEU A 85 0.46 19.90 -2.39
CA LEU A 85 1.33 18.75 -2.57
C LEU A 85 2.67 18.97 -1.88
N ARG A 86 3.25 17.87 -1.39
CA ARG A 86 4.52 17.89 -0.70
C ARG A 86 5.49 16.93 -1.40
N ALA A 87 6.76 17.00 -1.01
CA ALA A 87 7.78 16.17 -1.63
C ALA A 87 7.50 14.69 -1.41
N GLU A 88 7.02 14.32 -0.22
CA GLU A 88 6.75 12.91 0.07
C GLU A 88 5.56 12.37 -0.72
N ASP A 89 4.80 13.21 -1.39
CA ASP A 89 3.73 12.76 -2.27
C ASP A 89 4.24 12.25 -3.62
N THR A 90 5.55 12.33 -3.86
CA THR A 90 6.12 11.81 -5.10
C THR A 90 5.96 10.30 -5.13
N ALA A 91 5.17 9.82 -6.09
CA ALA A 91 4.89 8.39 -6.19
C ALA A 91 4.18 8.11 -7.51
N VAL A 92 4.18 6.84 -7.89
CA VAL A 92 3.28 6.36 -8.93
C VAL A 92 1.91 6.12 -8.32
N TYR A 93 0.88 6.69 -8.93
CA TYR A 93 -0.47 6.64 -8.39
C TYR A 93 -1.31 5.67 -9.21
N TYR A 94 -1.89 4.68 -8.53
CA TYR A 94 -2.77 3.71 -9.16
C TYR A 94 -4.21 3.97 -8.72
N CYS A 95 -5.13 3.88 -9.67
CA CYS A 95 -6.55 3.77 -9.37
C CYS A 95 -6.96 2.32 -9.53
N ALA A 96 -7.84 1.86 -8.66
CA ALA A 96 -8.15 0.44 -8.63
C ALA A 96 -9.59 0.22 -8.18
N ARG A 97 -10.12 -0.94 -8.54
CA ARG A 97 -11.47 -1.36 -8.16
C ARG A 97 -11.38 -2.29 -6.96
N ASP A 98 -11.93 -1.86 -5.83
CA ASP A 98 -11.86 -2.62 -4.60
C ASP A 98 -13.11 -3.48 -4.45
N LEU A 99 -12.92 -4.76 -4.15
CA LEU A 99 -14.01 -5.68 -3.88
C LEU A 99 -14.06 -6.06 -2.40
N MET A 100 -13.54 -5.20 -1.53
CA MET A 100 -13.56 -5.39 -0.08
C MET A 100 -12.96 -6.73 0.33
N VAL A 101 -13.81 -7.72 0.57
CA VAL A 101 -13.32 -9.02 1.01
C VAL A 101 -12.78 -9.85 -0.15
N TYR A 102 -13.15 -9.54 -1.39
CA TYR A 102 -12.66 -10.26 -2.55
C TYR A 102 -11.37 -9.68 -3.12
N GLY A 103 -10.80 -8.69 -2.45
CA GLY A 103 -9.53 -8.13 -2.87
C GLY A 103 -9.68 -6.94 -3.80
N ILE A 104 -8.54 -6.55 -4.35
CA ILE A 104 -8.45 -5.51 -5.36
C ILE A 104 -8.02 -6.18 -6.65
N ASP A 105 -8.96 -6.40 -7.57
CA ASP A 105 -8.69 -7.21 -8.74
C ASP A 105 -8.25 -6.40 -9.96
N VAL A 106 -8.75 -5.18 -10.13
CA VAL A 106 -8.49 -4.38 -11.31
C VAL A 106 -7.60 -3.20 -10.93
N TRP A 107 -6.42 -3.13 -11.52
CA TRP A 107 -5.49 -2.04 -11.30
C TRP A 107 -5.22 -1.33 -12.63
N GLY A 108 -4.94 -0.03 -12.53
CA GLY A 108 -4.49 0.73 -13.67
C GLY A 108 -2.99 0.65 -13.87
N GLN A 109 -2.52 1.20 -14.99
CA GLN A 109 -1.09 1.15 -15.27
C GLN A 109 -0.29 2.15 -14.45
N GLY A 110 -0.95 3.14 -13.85
CA GLY A 110 -0.26 4.09 -13.00
C GLY A 110 0.23 5.33 -13.73
N THR A 111 0.10 6.49 -13.07
CA THR A 111 0.62 7.75 -13.58
C THR A 111 1.56 8.34 -12.54
N THR A 112 2.68 8.87 -13.00
CA THR A 112 3.77 9.29 -12.12
C THR A 112 3.60 10.75 -11.72
N VAL A 113 3.73 11.02 -10.43
CA VAL A 113 3.69 12.37 -9.88
C VAL A 113 5.02 12.64 -9.19
N THR A 114 5.66 13.76 -9.53
CA THR A 114 6.93 14.16 -8.96
C THR A 114 6.79 15.56 -8.39
N VAL A 115 7.01 15.70 -7.08
CA VAL A 115 6.88 16.97 -6.38
C VAL A 115 8.26 17.38 -5.90
N SER A 116 8.80 18.45 -6.47
CA SER A 116 10.13 18.91 -6.12
C SER A 116 10.25 20.40 -6.42
N SER A 117 11.13 21.06 -5.69
CA SER A 117 11.37 22.49 -5.85
C SER A 117 12.58 22.78 -6.75
N ALA A 118 12.96 21.83 -7.59
CA ALA A 118 14.18 21.94 -8.39
C ALA A 118 13.87 22.56 -9.75
N SER A 119 14.85 23.31 -10.26
CA SER A 119 14.80 23.84 -11.60
C SER A 119 15.45 22.87 -12.57
N THR A 120 14.95 22.86 -13.82
CA THR A 120 15.46 21.95 -14.82
C THR A 120 16.94 22.21 -15.09
N LYS A 121 17.75 21.16 -15.07
CA LYS A 121 19.18 21.30 -15.24
C LYS A 121 19.74 20.09 -15.97
N GLY A 122 20.62 20.35 -16.94
CA GLY A 122 21.36 19.30 -17.59
C GLY A 122 22.45 18.77 -16.67
N PRO A 123 22.90 17.54 -16.93
CA PRO A 123 23.87 16.91 -16.03
C PRO A 123 25.32 17.23 -16.40
N SER A 124 26.15 17.23 -15.37
CA SER A 124 27.60 17.25 -15.55
C SER A 124 28.10 15.81 -15.59
N VAL A 125 28.89 15.48 -16.59
CA VAL A 125 29.38 14.12 -16.81
C VAL A 125 30.87 14.12 -16.50
N PHE A 126 31.25 13.38 -15.45
CA PHE A 126 32.64 13.29 -15.05
C PHE A 126 33.16 11.87 -15.26
N PRO A 127 34.41 11.72 -15.71
CA PRO A 127 34.94 10.38 -15.97
C PRO A 127 35.32 9.65 -14.70
N LEU A 128 35.01 8.36 -14.66
CA LEU A 128 35.48 7.44 -13.62
C LEU A 128 36.64 6.66 -14.24
N ALA A 129 37.84 7.20 -14.08
CA ALA A 129 39.00 6.71 -14.81
C ALA A 129 39.49 5.39 -14.24
N PRO A 130 39.95 4.47 -15.10
CA PRO A 130 40.53 3.22 -14.60
C PRO A 130 41.83 3.48 -13.88
N SER A 131 42.08 2.70 -12.83
CA SER A 131 43.27 2.90 -12.01
C SER A 131 44.52 2.45 -12.77
N SER A 132 45.68 2.86 -12.24
CA SER A 132 46.96 2.47 -12.83
C SER A 132 47.35 1.05 -12.44
N LYS A 133 46.88 0.57 -11.29
CA LYS A 133 47.19 -0.78 -10.85
C LYS A 133 46.40 -1.82 -11.63
N GLY A 138 43.14 -8.58 -14.32
CA GLY A 138 42.94 -8.89 -15.72
C GLY A 138 41.88 -8.04 -16.38
N THR A 139 40.91 -7.60 -15.57
CA THR A 139 39.82 -6.76 -16.04
C THR A 139 39.79 -5.47 -15.22
N ALA A 140 39.60 -4.36 -15.91
CA ALA A 140 39.54 -3.05 -15.29
C ALA A 140 38.13 -2.46 -15.43
N ALA A 141 37.81 -1.56 -14.51
CA ALA A 141 36.51 -0.91 -14.47
C ALA A 141 36.67 0.58 -14.74
N LEU A 142 35.82 1.12 -15.61
CA LEU A 142 35.76 2.55 -15.88
C LEU A 142 34.30 2.94 -16.04
N GLY A 143 34.02 4.23 -15.95
CA GLY A 143 32.64 4.66 -16.05
C GLY A 143 32.52 6.16 -16.13
N CYS A 144 31.27 6.61 -16.06
CA CYS A 144 30.91 8.02 -16.12
C CYS A 144 30.05 8.37 -14.92
N LEU A 145 30.29 9.55 -14.35
CA LEU A 145 29.48 10.07 -13.25
C LEU A 145 28.55 11.13 -13.82
N VAL A 146 27.28 10.79 -13.97
CA VAL A 146 26.25 11.72 -14.43
C VAL A 146 25.66 12.36 -13.18
N LYS A 147 26.07 13.60 -12.90
CA LYS A 147 25.78 14.24 -11.63
C LYS A 147 24.95 15.51 -11.84
N ASP A 148 24.02 15.75 -10.91
CA ASP A 148 23.26 16.99 -10.82
C ASP A 148 22.43 17.26 -12.07
N TYR A 149 21.26 16.63 -12.15
CA TYR A 149 20.32 16.89 -13.24
C TYR A 149 18.90 16.79 -12.70
N PHE A 150 17.97 17.33 -13.47
CA PHE A 150 16.56 17.33 -13.10
C PHE A 150 15.69 17.70 -14.30
N PRO A 151 14.58 16.99 -14.54
CA PRO A 151 14.16 15.83 -13.77
C PRO A 151 14.65 14.51 -14.37
N GLU A 152 14.00 13.41 -13.98
CA GLU A 152 14.26 12.14 -14.61
C GLU A 152 13.66 12.14 -16.03
N PRO A 153 14.21 11.32 -16.94
CA PRO A 153 15.38 10.45 -16.78
C PRO A 153 16.57 10.85 -17.64
N VAL A 154 17.64 10.07 -17.56
CA VAL A 154 18.76 10.16 -18.49
C VAL A 154 19.00 8.78 -19.06
N THR A 155 19.57 8.73 -20.26
CA THR A 155 19.94 7.48 -20.91
C THR A 155 21.42 7.51 -21.25
N VAL A 156 22.10 6.40 -20.99
CA VAL A 156 23.55 6.31 -21.16
C VAL A 156 23.87 5.10 -22.04
N SER A 157 24.67 5.32 -23.07
CA SER A 157 25.22 4.26 -23.90
C SER A 157 26.74 4.39 -23.92
N TRP A 158 27.41 3.37 -24.46
CA TRP A 158 28.86 3.34 -24.50
C TRP A 158 29.33 3.09 -25.92
N ASN A 159 30.19 3.97 -26.42
CA ASN A 159 30.72 3.90 -27.79
C ASN A 159 29.59 3.84 -28.81
N SER A 160 28.60 4.72 -28.61
CA SER A 160 27.43 4.82 -29.49
C SER A 160 26.69 3.49 -29.61
N GLY A 161 26.69 2.69 -28.55
CA GLY A 161 26.02 1.42 -28.55
C GLY A 161 26.86 0.23 -28.93
N ALA A 162 28.11 0.45 -29.35
CA ALA A 162 28.96 -0.67 -29.75
C ALA A 162 29.40 -1.50 -28.54
N LEU A 163 29.45 -0.89 -27.36
CA LEU A 163 29.86 -1.56 -26.14
C LEU A 163 28.64 -1.73 -25.24
N THR A 164 28.23 -2.98 -25.03
CA THR A 164 27.06 -3.28 -24.21
C THR A 164 27.39 -4.35 -23.17
N SER A 165 28.30 -5.27 -23.50
CA SER A 165 28.67 -6.33 -22.59
C SER A 165 29.42 -5.76 -21.38
N GLY A 166 28.93 -6.05 -20.19
CA GLY A 166 29.57 -5.60 -18.96
C GLY A 166 29.21 -4.20 -18.53
N VAL A 167 28.14 -3.62 -19.09
CA VAL A 167 27.73 -2.26 -18.75
C VAL A 167 26.69 -2.34 -17.63
N HIS A 168 26.87 -1.51 -16.60
CA HIS A 168 25.92 -1.39 -15.51
C HIS A 168 25.59 0.09 -15.32
N THR A 169 24.39 0.49 -15.72
CA THR A 169 23.89 1.84 -15.51
C THR A 169 22.94 1.82 -14.32
N PHE A 170 23.41 2.33 -13.18
CA PHE A 170 22.67 2.22 -11.95
C PHE A 170 21.45 3.14 -11.96
N PRO A 171 20.40 2.79 -11.22
CA PRO A 171 19.28 3.73 -11.03
C PRO A 171 19.74 4.96 -10.28
N ALA A 172 19.13 6.09 -10.61
CA ALA A 172 19.54 7.36 -10.04
C ALA A 172 19.16 7.47 -8.57
N VAL A 173 19.95 8.23 -7.82
CA VAL A 173 19.66 8.56 -6.43
C VAL A 173 19.33 10.05 -6.36
N LEU A 174 18.40 10.40 -5.47
CA LEU A 174 18.02 11.79 -5.26
C LEU A 174 18.90 12.36 -4.15
N GLN A 175 19.64 13.42 -4.47
CA GLN A 175 20.52 14.03 -3.51
C GLN A 175 19.76 15.04 -2.65
N SER A 176 20.40 15.48 -1.56
CA SER A 176 19.78 16.47 -0.68
C SER A 176 19.54 17.80 -1.38
N SER A 177 20.29 18.09 -2.44
CA SER A 177 20.10 19.33 -3.19
C SER A 177 18.84 19.34 -4.01
N GLY A 178 18.15 18.19 -4.14
CA GLY A 178 17.00 18.07 -5.01
C GLY A 178 17.32 17.64 -6.42
N LEU A 179 18.59 17.41 -6.74
CA LEU A 179 19.02 17.00 -8.06
C LEU A 179 19.41 15.52 -8.05
N TYR A 180 19.24 14.87 -9.19
CA TYR A 180 19.52 13.45 -9.30
C TYR A 180 20.97 13.21 -9.70
N SER A 181 21.52 12.09 -9.23
CA SER A 181 22.87 11.67 -9.55
C SER A 181 22.84 10.21 -9.99
N LEU A 182 23.75 9.86 -10.90
CA LEU A 182 23.75 8.54 -11.51
C LEU A 182 25.15 8.23 -12.03
N SER A 183 25.47 6.93 -12.07
CA SER A 183 26.76 6.46 -12.57
C SER A 183 26.54 5.24 -13.44
N SER A 184 27.30 5.17 -14.54
CA SER A 184 27.25 4.03 -15.45
C SER A 184 28.67 3.53 -15.67
N VAL A 185 28.93 2.28 -15.29
CA VAL A 185 30.27 1.71 -15.35
C VAL A 185 30.27 0.55 -16.35
N VAL A 186 31.48 0.15 -16.73
CA VAL A 186 31.68 -1.00 -17.61
C VAL A 186 33.04 -1.61 -17.29
N THR A 187 33.13 -2.94 -17.36
CA THR A 187 34.35 -3.67 -17.11
C THR A 187 34.92 -4.18 -18.42
N VAL A 188 36.22 -3.95 -18.62
CA VAL A 188 36.90 -4.32 -19.86
C VAL A 188 38.24 -4.98 -19.53
N PRO A 189 38.81 -5.72 -20.47
CA PRO A 189 40.15 -6.27 -20.25
C PRO A 189 41.19 -5.16 -20.11
N SER A 190 42.14 -5.38 -19.20
CA SER A 190 43.16 -4.37 -18.92
C SER A 190 44.04 -4.11 -20.13
N SER A 191 44.15 -5.08 -21.03
CA SER A 191 45.00 -4.93 -22.21
C SER A 191 44.44 -3.95 -23.24
N SER A 192 43.20 -3.49 -23.06
CA SER A 192 42.53 -2.65 -24.05
C SER A 192 42.51 -1.17 -23.68
N LEU A 193 42.95 -0.81 -22.46
CA LEU A 193 42.86 0.58 -22.03
C LEU A 193 43.73 1.52 -22.85
N GLY A 194 44.76 1.00 -23.53
CA GLY A 194 45.62 1.85 -24.33
C GLY A 194 45.30 1.82 -25.81
N THR A 195 44.47 0.86 -26.22
CA THR A 195 44.18 0.66 -27.63
C THR A 195 42.72 0.88 -28.02
N GLN A 196 41.81 1.01 -27.05
CA GLN A 196 40.39 1.17 -27.33
C GLN A 196 39.88 2.41 -26.63
N THR A 197 39.29 3.33 -27.40
CA THR A 197 38.69 4.53 -26.82
C THR A 197 37.31 4.21 -26.26
N TYR A 198 37.01 4.76 -25.10
CA TYR A 198 35.74 4.52 -24.41
C TYR A 198 35.06 5.87 -24.16
N ILE A 199 33.94 6.09 -24.83
CA ILE A 199 33.14 7.31 -24.68
C ILE A 199 31.75 6.90 -24.23
N CYS A 200 31.26 7.54 -23.18
CA CYS A 200 29.89 7.36 -22.71
C CYS A 200 29.03 8.47 -23.28
N ASN A 201 27.83 8.10 -23.72
CA ASN A 201 26.90 9.03 -24.38
C ASN A 201 25.74 9.27 -23.44
N VAL A 202 25.63 10.50 -22.92
CA VAL A 202 24.63 10.87 -21.94
C VAL A 202 23.58 11.73 -22.62
N ASN A 203 22.32 11.29 -22.55
CA ASN A 203 21.21 11.99 -23.18
C ASN A 203 20.21 12.38 -22.09
N HIS A 204 19.90 13.68 -22.01
CA HIS A 204 18.94 14.21 -21.04
C HIS A 204 17.97 15.10 -21.81
N LYS A 205 16.90 14.50 -22.33
CA LYS A 205 15.94 15.24 -23.15
C LYS A 205 15.33 16.45 -22.45
N PRO A 206 14.95 16.41 -21.16
CA PRO A 206 14.32 17.59 -20.55
C PRO A 206 15.14 18.87 -20.66
N SER A 207 16.47 18.77 -20.77
CA SER A 207 17.33 19.94 -20.89
C SER A 207 17.94 20.06 -22.28
N ASN A 208 17.53 19.22 -23.22
CA ASN A 208 18.08 19.22 -24.58
C ASN A 208 19.61 19.10 -24.55
N THR A 209 20.09 18.16 -23.74
CA THR A 209 21.51 17.98 -23.47
C THR A 209 21.94 16.59 -23.92
N LYS A 210 22.88 16.55 -24.85
CA LYS A 210 23.56 15.31 -25.24
C LYS A 210 25.06 15.53 -25.08
N VAL A 211 25.69 14.71 -24.26
CA VAL A 211 27.10 14.87 -23.92
C VAL A 211 27.82 13.56 -24.17
N ASP A 212 28.97 13.64 -24.84
CA ASP A 212 29.85 12.49 -25.07
C ASP A 212 31.16 12.75 -24.33
N LYS A 213 31.47 11.88 -23.37
CA LYS A 213 32.62 12.06 -22.49
C LYS A 213 33.60 10.92 -22.73
N LYS A 214 34.83 11.25 -23.10
CA LYS A 214 35.87 10.26 -23.33
C LYS A 214 36.53 9.89 -22.01
N VAL A 215 36.48 8.61 -21.65
CA VAL A 215 37.06 8.10 -20.41
C VAL A 215 38.42 7.49 -20.73
N GLU A 216 39.47 8.07 -20.16
CA GLU A 216 40.84 7.63 -20.40
C GLU A 216 41.52 7.29 -19.08
N PRO A 217 42.53 6.41 -19.10
CA PRO A 217 43.33 6.20 -17.90
C PRO A 217 44.07 7.47 -17.51
N LYS A 218 44.09 7.76 -16.22
CA LYS A 218 44.67 9.00 -15.74
C LYS A 218 46.18 9.01 -15.94
N SER A 219 46.72 10.19 -16.25
CA SER A 219 48.15 10.36 -16.51
C SER A 219 48.78 11.05 -15.32
N CYS A 220 49.63 10.34 -14.60
CA CYS A 220 50.33 10.90 -13.44
C CYS A 220 51.46 11.81 -13.90
N GLU B 1 -3.87 2.23 14.47
CA GLU B 1 -3.52 1.65 13.18
C GLU B 1 -3.01 0.22 13.33
N ILE B 2 -3.25 -0.60 12.31
CA ILE B 2 -2.76 -1.97 12.29
C ILE B 2 -1.44 -2.00 11.54
N VAL B 3 -0.47 -2.72 12.09
CA VAL B 3 0.87 -2.82 11.52
C VAL B 3 1.04 -4.24 10.97
N MET B 4 1.26 -4.34 9.66
CA MET B 4 1.44 -5.62 8.99
C MET B 4 2.93 -5.90 8.86
N THR B 5 3.44 -6.82 9.69
CA THR B 5 4.84 -7.19 9.67
C THR B 5 5.02 -8.41 8.77
N GLN B 6 5.76 -8.24 7.67
CA GLN B 6 5.96 -9.27 6.67
C GLN B 6 7.42 -9.70 6.67
N SER B 7 7.65 -11.01 6.67
CA SER B 7 8.99 -11.55 6.75
C SER B 7 9.07 -12.81 5.91
N PRO B 8 10.23 -13.08 5.27
CA PRO B 8 11.42 -12.22 5.30
C PRO B 8 11.33 -11.06 4.33
N SER B 9 12.25 -10.09 4.46
CA SER B 9 12.29 -8.99 3.51
C SER B 9 12.65 -9.49 2.11
N SER B 10 13.51 -10.50 2.04
CA SER B 10 13.89 -11.10 0.77
C SER B 10 14.24 -12.56 1.01
N LEU B 11 14.07 -13.38 -0.04
CA LEU B 11 14.42 -14.79 0.02
C LEU B 11 14.84 -15.25 -1.36
N SER B 12 15.76 -16.20 -1.39
CA SER B 12 16.32 -16.74 -2.63
C SER B 12 15.82 -18.17 -2.83
N ALA B 13 15.35 -18.47 -4.04
CA ALA B 13 14.79 -19.78 -4.31
C ALA B 13 15.10 -20.17 -5.74
N SER B 14 15.28 -21.47 -5.96
CA SER B 14 15.45 -22.04 -7.28
C SER B 14 14.11 -22.51 -7.83
N VAL B 15 14.07 -22.74 -9.14
CA VAL B 15 12.84 -23.20 -9.78
C VAL B 15 12.47 -24.57 -9.23
N GLY B 16 11.23 -24.72 -8.77
CA GLY B 16 10.76 -25.94 -8.16
C GLY B 16 10.77 -25.95 -6.65
N ASP B 17 11.30 -24.90 -6.01
CA ASP B 17 11.32 -24.82 -4.57
C ASP B 17 9.94 -24.49 -4.02
N ARG B 18 9.72 -24.85 -2.76
CA ARG B 18 8.51 -24.51 -2.04
C ARG B 18 8.77 -23.26 -1.22
N VAL B 19 8.17 -22.15 -1.63
CA VAL B 19 8.40 -20.84 -1.02
C VAL B 19 7.29 -20.54 -0.02
N THR B 20 7.66 -19.94 1.11
CA THR B 20 6.70 -19.59 2.15
C THR B 20 7.00 -18.18 2.64
N ILE B 21 6.00 -17.30 2.57
CA ILE B 21 6.11 -15.92 3.01
C ILE B 21 5.10 -15.70 4.14
N THR B 22 5.54 -15.02 5.20
CA THR B 22 4.75 -14.85 6.41
C THR B 22 4.34 -13.39 6.60
N CYS B 23 3.09 -13.19 6.98
CA CYS B 23 2.52 -11.87 7.26
C CYS B 23 1.88 -11.91 8.64
N ARG B 24 2.24 -10.95 9.49
CA ARG B 24 1.74 -10.89 10.86
C ARG B 24 1.07 -9.55 11.13
N ALA B 25 -0.16 -9.59 11.60
CA ALA B 25 -0.93 -8.38 11.87
C ALA B 25 -0.75 -7.94 13.32
N SER B 26 -0.84 -6.62 13.53
CA SER B 26 -0.68 -6.07 14.87
C SER B 26 -1.83 -6.51 15.77
N GLN B 27 -3.04 -6.58 15.23
CA GLN B 27 -4.22 -7.06 15.94
C GLN B 27 -4.94 -8.07 15.07
N GLY B 28 -5.89 -8.77 15.68
CA GLY B 28 -6.66 -9.74 14.93
C GLY B 28 -7.45 -9.08 13.80
N ILE B 29 -7.42 -9.71 12.62
CA ILE B 29 -8.16 -9.22 11.47
C ILE B 29 -8.92 -10.37 10.82
N SER B 30 -9.15 -11.44 11.60
CA SER B 30 -9.81 -12.65 11.13
C SER B 30 -9.22 -13.11 9.79
N SER B 31 -10.08 -13.20 8.77
CA SER B 31 -9.65 -13.62 7.44
C SER B 31 -9.53 -12.45 6.47
N TYR B 32 -9.61 -11.22 6.97
CA TYR B 32 -9.52 -10.03 6.12
C TYR B 32 -8.05 -9.81 5.73
N LEU B 33 -7.59 -10.59 4.76
CA LEU B 33 -6.23 -10.43 4.25
C LEU B 33 -6.19 -10.87 2.79
N ALA B 34 -5.29 -10.24 2.03
CA ALA B 34 -5.08 -10.57 0.63
C ALA B 34 -3.59 -10.58 0.33
N TRP B 35 -3.20 -11.31 -0.71
CA TRP B 35 -1.82 -11.40 -1.16
C TRP B 35 -1.72 -10.88 -2.59
N TYR B 36 -0.65 -10.14 -2.87
CA TYR B 36 -0.44 -9.54 -4.17
C TYR B 36 0.95 -9.88 -4.70
N GLN B 37 1.07 -9.85 -6.02
CA GLN B 37 2.34 -10.02 -6.71
C GLN B 37 2.60 -8.79 -7.57
N GLN B 38 3.84 -8.30 -7.54
CA GLN B 38 4.21 -7.12 -8.31
C GLN B 38 5.60 -7.32 -8.88
N LYS B 39 5.76 -6.99 -10.16
CA LYS B 39 7.02 -7.02 -10.87
C LYS B 39 7.45 -5.60 -11.24
N PRO B 40 8.75 -5.35 -11.37
CA PRO B 40 9.22 -3.96 -11.56
C PRO B 40 8.59 -3.30 -12.78
N GLY B 41 7.95 -2.16 -12.54
CA GLY B 41 7.32 -1.39 -13.59
C GLY B 41 5.89 -1.77 -13.91
N LYS B 42 5.34 -2.76 -13.21
CA LYS B 42 3.98 -3.24 -13.47
C LYS B 42 3.08 -2.93 -12.28
N ALA B 43 1.78 -3.05 -12.51
CA ALA B 43 0.80 -2.90 -11.44
C ALA B 43 0.72 -4.17 -10.61
N PRO B 44 0.27 -4.07 -9.36
CA PRO B 44 0.08 -5.28 -8.55
C PRO B 44 -0.94 -6.21 -9.15
N LYS B 45 -0.83 -7.49 -8.78
CA LYS B 45 -1.70 -8.55 -9.28
C LYS B 45 -2.26 -9.31 -8.09
N LEU B 46 -3.59 -9.34 -7.97
CA LEU B 46 -4.23 -10.00 -6.84
C LEU B 46 -4.08 -11.51 -6.98
N LEU B 47 -3.56 -12.15 -5.94
CA LEU B 47 -3.36 -13.60 -5.91
C LEU B 47 -4.39 -14.30 -5.04
N ILE B 48 -4.43 -13.95 -3.76
CA ILE B 48 -5.33 -14.56 -2.79
C ILE B 48 -6.16 -13.47 -2.15
N TYR B 49 -7.45 -13.74 -1.96
CA TYR B 49 -8.30 -12.88 -1.14
C TYR B 49 -8.94 -13.72 -0.05
N ALA B 50 -9.44 -13.03 0.98
CA ALA B 50 -10.01 -13.69 2.15
C ALA B 50 -9.03 -14.70 2.74
N ALA B 51 -7.74 -14.33 2.75
CA ALA B 51 -6.66 -15.07 3.38
C ALA B 51 -6.30 -16.37 2.65
N SER B 52 -7.32 -17.11 2.17
CA SER B 52 -7.05 -18.45 1.66
C SER B 52 -7.77 -18.77 0.36
N THR B 53 -8.44 -17.82 -0.27
CA THR B 53 -9.21 -18.08 -1.49
C THR B 53 -8.41 -17.64 -2.71
N LEU B 54 -8.27 -18.54 -3.68
CA LEU B 54 -7.44 -18.30 -4.86
C LEU B 54 -8.22 -17.48 -5.89
N GLN B 55 -7.66 -16.34 -6.27
CA GLN B 55 -8.29 -15.48 -7.27
C GLN B 55 -8.35 -16.21 -8.62
N SER B 56 -9.42 -15.95 -9.37
CA SER B 56 -9.62 -16.58 -10.67
C SER B 56 -8.46 -16.24 -11.60
N GLY B 57 -7.94 -17.27 -12.27
CA GLY B 57 -6.84 -17.10 -13.20
C GLY B 57 -5.46 -17.34 -12.61
N VAL B 58 -5.34 -17.35 -11.29
CA VAL B 58 -4.05 -17.52 -10.62
C VAL B 58 -3.71 -19.01 -10.59
N PRO B 59 -2.48 -19.39 -10.92
CA PRO B 59 -2.12 -20.82 -10.91
C PRO B 59 -2.32 -21.45 -9.54
N SER B 60 -2.63 -22.75 -9.56
CA SER B 60 -3.00 -23.47 -8.34
C SER B 60 -1.82 -23.69 -7.40
N ARG B 61 -0.58 -23.46 -7.85
CA ARG B 61 0.56 -23.61 -6.95
C ARG B 61 0.58 -22.55 -5.86
N PHE B 62 -0.18 -21.47 -6.04
CA PHE B 62 -0.34 -20.45 -5.01
C PHE B 62 -1.45 -20.86 -4.04
N SER B 63 -1.21 -20.61 -2.75
CA SER B 63 -2.20 -20.91 -1.73
C SER B 63 -1.92 -20.07 -0.50
N GLY B 64 -2.98 -19.54 0.09
CA GLY B 64 -2.89 -18.78 1.33
C GLY B 64 -3.50 -19.57 2.47
N SER B 65 -3.05 -19.27 3.68
CA SER B 65 -3.55 -19.97 4.86
C SER B 65 -3.35 -19.10 6.08
N GLY B 66 -4.12 -19.40 7.12
CA GLY B 66 -4.04 -18.68 8.37
C GLY B 66 -5.28 -17.82 8.62
N SER B 67 -5.48 -17.50 9.89
CA SER B 67 -6.60 -16.66 10.29
C SER B 67 -6.27 -16.04 11.65
N GLY B 68 -6.67 -14.78 11.83
CA GLY B 68 -6.42 -14.09 13.07
C GLY B 68 -5.27 -13.10 12.97
N THR B 69 -4.05 -13.56 13.25
CA THR B 69 -2.87 -12.72 13.21
C THR B 69 -1.78 -13.24 12.29
N ASP B 70 -1.60 -14.55 12.19
CA ASP B 70 -0.53 -15.14 11.39
C ASP B 70 -1.08 -15.68 10.09
N PHE B 71 -0.47 -15.30 8.98
CA PHE B 71 -0.87 -15.71 7.64
C PHE B 71 0.37 -16.10 6.84
N THR B 72 0.20 -17.03 5.91
CA THR B 72 1.31 -17.49 5.09
C THR B 72 0.87 -17.64 3.64
N LEU B 73 1.70 -17.12 2.72
CA LEU B 73 1.55 -17.38 1.29
C LEU B 73 2.53 -18.49 0.90
N THR B 74 2.04 -19.42 0.08
CA THR B 74 2.79 -20.63 -0.24
C THR B 74 2.81 -20.84 -1.75
N ILE B 75 4.00 -20.92 -2.32
CA ILE B 75 4.21 -21.30 -3.71
C ILE B 75 4.77 -22.72 -3.68
N SER B 76 3.92 -23.71 -3.98
CA SER B 76 4.31 -25.12 -3.79
C SER B 76 5.45 -25.53 -4.72
N SER B 77 5.47 -25.01 -5.95
CA SER B 77 6.52 -25.33 -6.91
C SER B 77 6.83 -24.07 -7.70
N LEU B 78 7.88 -23.37 -7.31
CA LEU B 78 8.20 -22.07 -7.91
C LEU B 78 8.50 -22.22 -9.39
N GLN B 79 7.92 -21.34 -10.19
CA GLN B 79 8.11 -21.30 -11.63
C GLN B 79 8.88 -20.05 -12.03
N PRO B 80 9.47 -20.03 -13.23
CA PRO B 80 10.28 -18.86 -13.63
C PRO B 80 9.54 -17.54 -13.59
N GLU B 81 8.24 -17.52 -13.89
CA GLU B 81 7.48 -16.28 -13.88
C GLU B 81 7.00 -15.88 -12.50
N ASP B 82 7.53 -16.50 -11.44
CA ASP B 82 7.12 -16.21 -10.08
C ASP B 82 8.14 -15.40 -9.30
N PHE B 83 9.28 -15.08 -9.90
CA PHE B 83 10.28 -14.22 -9.26
C PHE B 83 9.77 -12.79 -9.28
N ALA B 84 9.21 -12.34 -8.16
CA ALA B 84 8.64 -11.01 -8.07
C ALA B 84 8.72 -10.54 -6.63
N THR B 85 7.94 -9.54 -6.28
CA THR B 85 7.82 -9.04 -4.92
C THR B 85 6.36 -9.19 -4.47
N TYR B 86 6.15 -9.77 -3.30
CA TYR B 86 4.83 -10.12 -2.82
C TYR B 86 4.46 -9.30 -1.59
N TYR B 87 3.20 -8.87 -1.54
CA TYR B 87 2.68 -8.07 -0.45
C TYR B 87 1.43 -8.71 0.13
N CYS B 88 1.22 -8.52 1.43
CA CYS B 88 -0.04 -8.83 2.08
C CYS B 88 -0.76 -7.53 2.41
N GLN B 89 -2.10 -7.60 2.41
CA GLN B 89 -2.91 -6.42 2.65
C GLN B 89 -4.01 -6.73 3.66
N GLN B 90 -4.23 -5.80 4.58
CA GLN B 90 -5.35 -5.85 5.52
C GLN B 90 -6.55 -5.21 4.83
N LEU B 91 -7.27 -6.01 4.03
CA LEU B 91 -8.42 -5.47 3.30
C LEU B 91 -9.68 -5.46 4.17
N ASP B 92 -9.58 -4.74 5.29
CA ASP B 92 -10.64 -4.65 6.27
C ASP B 92 -10.98 -3.18 6.53
N SER B 93 -12.26 -2.92 6.78
CA SER B 93 -12.74 -1.54 6.92
C SER B 93 -12.13 -0.86 8.14
N TYR B 94 -12.24 -1.48 9.32
CA TYR B 94 -11.71 -0.84 10.52
C TYR B 94 -10.42 -1.51 10.94
N PRO B 95 -9.37 -0.75 11.32
CA PRO B 95 -9.27 0.71 11.33
C PRO B 95 -8.71 1.30 10.03
N PRO B 96 -9.42 2.29 9.44
CA PRO B 96 -9.22 2.73 8.05
C PRO B 96 -8.03 2.13 7.31
N GLY B 97 -7.09 2.99 6.88
CA GLY B 97 -5.81 2.56 6.34
C GLY B 97 -5.73 1.58 5.19
N TYR B 98 -6.22 0.35 5.37
CA TYR B 98 -5.91 -0.74 4.46
C TYR B 98 -4.40 -0.85 4.27
N THR B 99 -3.69 -1.37 5.27
CA THR B 99 -2.24 -1.36 5.26
C THR B 99 -1.70 -2.55 4.47
N PHE B 100 -0.53 -2.33 3.85
CA PHE B 100 0.20 -3.37 3.12
C PHE B 100 1.42 -3.81 3.93
N GLY B 101 1.85 -5.03 3.68
CA GLY B 101 3.08 -5.51 4.27
C GLY B 101 4.30 -4.85 3.64
N GLN B 102 5.44 -5.01 4.32
CA GLN B 102 6.68 -4.42 3.83
C GLN B 102 7.13 -5.02 2.50
N GLY B 103 6.68 -6.22 2.17
CA GLY B 103 7.00 -6.83 0.90
C GLY B 103 8.15 -7.82 1.01
N THR B 104 8.11 -8.83 0.15
CA THR B 104 9.14 -9.87 0.12
C THR B 104 9.59 -10.07 -1.31
N LYS B 105 10.88 -9.78 -1.56
CA LYS B 105 11.47 -9.97 -2.87
C LYS B 105 11.98 -11.41 -2.99
N VAL B 106 11.58 -12.09 -4.05
CA VAL B 106 11.97 -13.47 -4.30
C VAL B 106 12.88 -13.47 -5.52
N ASP B 107 14.19 -13.52 -5.29
CA ASP B 107 15.17 -13.49 -6.37
C ASP B 107 15.65 -14.89 -6.71
N ILE B 108 16.45 -14.97 -7.76
CA ILE B 108 16.93 -16.25 -8.28
C ILE B 108 18.13 -16.71 -7.47
N LYS B 109 18.08 -17.94 -6.98
CA LYS B 109 19.15 -18.49 -6.18
C LYS B 109 20.24 -19.05 -7.07
N ARG B 110 21.49 -18.68 -6.79
CA ARG B 110 22.65 -19.18 -7.52
C ARG B 110 23.80 -19.33 -6.55
N THR B 111 24.94 -19.80 -7.05
CA THR B 111 26.11 -19.97 -6.20
C THR B 111 26.62 -18.61 -5.75
N VAL B 112 27.30 -18.61 -4.60
CA VAL B 112 27.83 -17.37 -4.04
C VAL B 112 28.90 -16.81 -4.96
N ALA B 113 28.83 -15.52 -5.22
CA ALA B 113 29.79 -14.83 -6.08
C ALA B 113 30.28 -13.59 -5.35
N ALA B 114 31.59 -13.50 -5.16
CA ALA B 114 32.19 -12.35 -4.50
C ALA B 114 32.28 -11.16 -5.45
N PRO B 115 32.14 -9.94 -4.93
CA PRO B 115 32.16 -8.76 -5.81
C PRO B 115 33.57 -8.32 -6.16
N SER B 116 33.67 -7.70 -7.34
CA SER B 116 34.89 -7.02 -7.75
C SER B 116 34.79 -5.57 -7.29
N VAL B 117 35.74 -5.14 -6.47
CA VAL B 117 35.69 -3.83 -5.83
C VAL B 117 36.63 -2.88 -6.55
N PHE B 118 36.11 -1.71 -6.94
CA PHE B 118 36.88 -0.66 -7.58
C PHE B 118 36.55 0.67 -6.91
N ILE B 119 37.58 1.48 -6.69
CA ILE B 119 37.41 2.81 -6.12
C ILE B 119 37.84 3.83 -7.19
N PHE B 120 37.08 4.91 -7.28
CA PHE B 120 37.33 5.94 -8.28
C PHE B 120 37.51 7.29 -7.59
N PRO B 121 38.66 7.94 -7.71
CA PRO B 121 38.83 9.28 -7.14
C PRO B 121 37.97 10.28 -7.88
N PRO B 122 37.67 11.43 -7.28
CA PRO B 122 36.98 12.49 -8.02
C PRO B 122 37.86 12.97 -9.18
N SER B 123 37.19 13.37 -10.27
CA SER B 123 37.90 13.85 -11.43
C SER B 123 38.45 15.25 -11.20
N ASP B 124 39.55 15.56 -11.90
CA ASP B 124 40.09 16.92 -11.85
C ASP B 124 39.07 17.94 -12.34
N GLU B 125 38.24 17.57 -13.31
CA GLU B 125 37.23 18.48 -13.83
C GLU B 125 36.19 18.82 -12.77
N GLN B 126 35.82 17.84 -11.94
CA GLN B 126 34.82 18.08 -10.91
C GLN B 126 35.39 18.86 -9.73
N LEU B 127 36.64 18.57 -9.35
CA LEU B 127 37.28 19.34 -8.29
C LEU B 127 37.36 20.81 -8.63
N LYS B 128 37.42 21.15 -9.92
CA LYS B 128 37.41 22.54 -10.34
C LYS B 128 36.08 23.22 -10.03
N SER B 129 35.00 22.44 -9.87
CA SER B 129 33.69 22.99 -9.56
C SER B 129 33.48 23.23 -8.07
N GLY B 130 34.18 22.50 -7.21
CA GLY B 130 34.07 22.67 -5.78
C GLY B 130 33.52 21.46 -5.03
N THR B 131 33.20 20.37 -5.69
CA THR B 131 32.64 19.19 -5.05
C THR B 131 33.44 17.96 -5.47
N ALA B 132 33.68 17.06 -4.51
CA ALA B 132 34.44 15.85 -4.75
C ALA B 132 33.52 14.64 -4.54
N SER B 133 33.34 13.85 -5.59
CA SER B 133 32.51 12.64 -5.54
C SER B 133 33.43 11.44 -5.72
N VAL B 134 33.56 10.63 -4.67
CA VAL B 134 34.32 9.38 -4.71
C VAL B 134 33.33 8.23 -4.84
N VAL B 135 33.57 7.34 -5.79
CA VAL B 135 32.64 6.27 -6.12
C VAL B 135 33.32 4.93 -5.88
N CYS B 136 32.60 4.02 -5.22
CA CYS B 136 33.05 2.66 -4.97
C CYS B 136 32.12 1.70 -5.69
N LEU B 137 32.69 0.78 -6.46
CA LEU B 137 31.92 -0.13 -7.30
C LEU B 137 32.03 -1.56 -6.79
N LEU B 138 30.89 -2.22 -6.64
CA LEU B 138 30.81 -3.65 -6.33
C LEU B 138 30.19 -4.34 -7.54
N ASN B 139 30.99 -5.07 -8.28
CA ASN B 139 30.59 -5.60 -9.58
C ASN B 139 30.27 -7.08 -9.50
N ASN B 140 29.07 -7.44 -9.97
CA ASN B 140 28.65 -8.82 -10.16
C ASN B 140 28.88 -9.69 -8.93
N PHE B 141 28.02 -9.57 -7.93
CA PHE B 141 28.09 -10.37 -6.72
C PHE B 141 26.75 -11.03 -6.44
N TYR B 142 26.77 -11.96 -5.48
CA TYR B 142 25.57 -12.63 -5.02
C TYR B 142 25.87 -13.30 -3.68
N PRO B 143 24.97 -13.21 -2.68
CA PRO B 143 23.65 -12.58 -2.76
C PRO B 143 23.66 -11.05 -2.71
N ARG B 144 22.46 -10.47 -2.60
CA ARG B 144 22.32 -9.01 -2.64
C ARG B 144 22.94 -8.35 -1.42
N GLU B 145 22.83 -8.99 -0.26
CA GLU B 145 23.29 -8.40 1.00
C GLU B 145 24.78 -8.09 0.94
N ALA B 146 25.13 -6.82 1.06
CA ALA B 146 26.52 -6.38 1.02
C ALA B 146 26.64 -5.10 1.83
N LYS B 147 27.76 -4.98 2.57
CA LYS B 147 27.99 -3.86 3.46
C LYS B 147 29.23 -3.09 2.98
N VAL B 148 29.07 -1.79 2.75
CA VAL B 148 30.13 -0.93 2.26
C VAL B 148 30.41 0.13 3.31
N GLN B 149 31.67 0.23 3.74
CA GLN B 149 32.09 1.18 4.76
C GLN B 149 33.19 2.06 4.20
N TRP B 150 32.92 3.35 4.10
CA TRP B 150 33.93 4.31 3.68
C TRP B 150 34.85 4.66 4.84
N LYS B 151 36.13 4.84 4.55
CA LYS B 151 37.13 5.26 5.53
C LYS B 151 37.94 6.40 4.94
N VAL B 152 38.05 7.50 5.68
CA VAL B 152 38.81 8.67 5.27
C VAL B 152 39.88 8.89 6.33
N ASP B 153 41.13 8.60 5.98
CA ASP B 153 42.25 8.59 6.94
C ASP B 153 41.92 7.69 8.13
N ASN B 154 41.38 6.51 7.84
CA ASN B 154 40.96 5.49 8.80
C ASN B 154 39.77 5.92 9.65
N ALA B 155 39.11 7.03 9.31
CA ALA B 155 37.93 7.49 10.04
C ALA B 155 36.69 6.98 9.31
N LEU B 156 35.88 6.18 10.01
CA LEU B 156 34.68 5.59 9.40
C LEU B 156 33.65 6.67 9.11
N GLN B 157 33.28 6.81 7.84
CA GLN B 157 32.40 7.87 7.37
C GLN B 157 30.98 7.35 7.24
N SER B 158 30.03 8.06 7.82
CA SER B 158 28.62 7.74 7.71
C SER B 158 27.81 9.03 7.59
N GLY B 159 26.77 8.99 6.76
CA GLY B 159 25.88 10.12 6.58
C GLY B 159 26.15 10.94 5.34
N ASN B 160 27.31 10.77 4.69
CA ASN B 160 27.66 11.53 3.49
C ASN B 160 27.84 10.61 2.29
N SER B 161 27.17 9.47 2.29
CA SER B 161 27.26 8.53 1.18
C SER B 161 25.87 8.00 0.83
N GLN B 162 25.68 7.69 -0.45
CA GLN B 162 24.45 7.10 -0.94
C GLN B 162 24.80 5.89 -1.80
N GLU B 163 23.87 4.94 -1.86
CA GLU B 163 24.09 3.70 -2.60
C GLU B 163 22.99 3.49 -3.64
N SER B 164 23.29 2.63 -4.61
CA SER B 164 22.37 2.29 -5.68
C SER B 164 22.68 0.87 -6.11
N VAL B 165 21.64 0.05 -6.29
CA VAL B 165 21.79 -1.36 -6.63
CA VAL B 165 21.79 -1.36 -6.63
C VAL B 165 21.04 -1.62 -7.93
N THR B 166 21.67 -2.38 -8.82
CA THR B 166 21.01 -2.81 -10.05
C THR B 166 20.09 -3.98 -9.76
N GLU B 167 19.13 -4.20 -10.65
CA GLU B 167 18.30 -5.39 -10.55
C GLU B 167 19.12 -6.63 -10.91
N GLN B 168 18.64 -7.78 -10.46
CA GLN B 168 19.36 -9.04 -10.67
C GLN B 168 19.58 -9.27 -12.16
N ASP B 169 20.85 -9.40 -12.55
CA ASP B 169 21.21 -9.48 -13.95
C ASP B 169 20.53 -10.67 -14.62
N SER B 170 19.99 -10.43 -15.81
CA SER B 170 19.18 -11.42 -16.51
C SER B 170 20.01 -12.57 -17.08
N LYS B 171 21.32 -12.57 -16.93
CA LYS B 171 22.16 -13.60 -17.52
C LYS B 171 22.97 -14.39 -16.50
N ASP B 172 23.56 -13.74 -15.50
CA ASP B 172 24.33 -14.43 -14.48
C ASP B 172 23.74 -14.31 -13.09
N SER B 173 22.57 -13.69 -12.94
CA SER B 173 21.85 -13.60 -11.67
C SER B 173 22.67 -12.92 -10.58
N THR B 174 23.51 -11.96 -10.96
CA THR B 174 24.33 -11.23 -10.01
C THR B 174 23.81 -9.81 -9.83
N TYR B 175 24.25 -9.17 -8.76
CA TYR B 175 23.93 -7.78 -8.46
C TYR B 175 25.18 -6.92 -8.59
N SER B 176 24.96 -5.63 -8.78
CA SER B 176 26.04 -4.65 -8.84
C SER B 176 25.62 -3.40 -8.07
N LEU B 177 26.53 -2.90 -7.24
CA LEU B 177 26.23 -1.80 -6.34
C LEU B 177 27.25 -0.68 -6.52
N SER B 178 26.76 0.56 -6.44
CA SER B 178 27.60 1.75 -6.46
C SER B 178 27.37 2.55 -5.20
N SER B 179 28.44 3.13 -4.66
CA SER B 179 28.38 3.95 -3.45
C SER B 179 29.16 5.24 -3.72
N THR B 180 28.50 6.38 -3.50
CA THR B 180 29.06 7.68 -3.84
C THR B 180 29.29 8.47 -2.55
N LEU B 181 30.56 8.74 -2.26
CA LEU B 181 30.95 9.57 -1.12
C LEU B 181 31.17 10.99 -1.62
N THR B 182 30.40 11.94 -1.09
CA THR B 182 30.42 13.32 -1.53
C THR B 182 30.99 14.22 -0.45
N LEU B 183 31.96 15.04 -0.82
CA LEU B 183 32.58 16.00 0.08
C LEU B 183 32.71 17.34 -0.63
N SER B 184 32.96 18.39 0.15
CA SER B 184 33.38 19.64 -0.45
C SER B 184 34.85 19.53 -0.87
N LYS B 185 35.25 20.39 -1.81
CA LYS B 185 36.64 20.38 -2.25
C LYS B 185 37.58 20.69 -1.09
N ALA B 186 37.19 21.63 -0.23
CA ALA B 186 38.03 21.96 0.93
C ALA B 186 38.18 20.78 1.86
N ASP B 187 37.08 20.07 2.14
CA ASP B 187 37.17 18.90 3.02
C ASP B 187 37.94 17.77 2.36
N TYR B 188 37.78 17.60 1.05
CA TYR B 188 38.48 16.54 0.34
C TYR B 188 39.99 16.74 0.39
N GLU B 189 40.44 17.98 0.35
CA GLU B 189 41.87 18.29 0.40
C GLU B 189 42.43 18.27 1.82
N LYS B 190 41.61 17.97 2.82
CA LYS B 190 42.09 17.88 4.20
C LYS B 190 42.56 16.48 4.58
N HIS B 191 42.37 15.49 3.71
CA HIS B 191 42.69 14.11 4.03
C HIS B 191 43.42 13.46 2.87
N LYS B 192 44.05 12.32 3.15
CA LYS B 192 44.94 11.66 2.19
C LYS B 192 44.40 10.31 1.74
N VAL B 193 44.16 9.39 2.67
CA VAL B 193 43.82 8.00 2.32
C VAL B 193 42.30 7.88 2.24
N TYR B 194 41.80 7.49 1.06
CA TYR B 194 40.38 7.28 0.83
C TYR B 194 40.17 5.82 0.44
N ALA B 195 39.30 5.13 1.18
CA ALA B 195 39.08 3.71 0.95
C ALA B 195 37.61 3.36 1.21
N CYS B 196 37.14 2.33 0.52
CA CYS B 196 35.87 1.69 0.83
C CYS B 196 36.12 0.23 1.18
N GLU B 197 35.61 -0.19 2.34
CA GLU B 197 35.76 -1.55 2.82
C GLU B 197 34.50 -2.33 2.49
N VAL B 198 34.64 -3.44 1.78
CA VAL B 198 33.51 -4.25 1.33
C VAL B 198 33.52 -5.57 2.07
N THR B 199 32.43 -5.87 2.76
CA THR B 199 32.21 -7.17 3.39
C THR B 199 31.09 -7.89 2.64
N HIS B 200 31.29 -9.17 2.38
CA HIS B 200 30.33 -9.95 1.62
C HIS B 200 30.54 -11.42 1.94
N GLN B 201 29.48 -12.20 1.73
CA GLN B 201 29.54 -13.63 2.04
C GLN B 201 30.59 -14.34 1.20
N GLY B 202 30.82 -13.88 -0.02
CA GLY B 202 31.83 -14.49 -0.88
C GLY B 202 33.26 -14.12 -0.56
N LEU B 203 33.47 -13.24 0.41
CA LEU B 203 34.80 -12.80 0.80
C LEU B 203 35.12 -13.35 2.19
N SER B 204 36.26 -14.05 2.29
CA SER B 204 36.67 -14.62 3.57
C SER B 204 36.98 -13.54 4.60
N SER B 205 37.37 -12.36 4.15
CA SER B 205 37.64 -11.22 5.01
C SER B 205 37.30 -9.95 4.25
N PRO B 206 37.04 -8.85 4.96
CA PRO B 206 36.69 -7.60 4.25
C PRO B 206 37.78 -7.18 3.27
N VAL B 207 37.35 -6.84 2.06
CA VAL B 207 38.23 -6.37 1.00
C VAL B 207 38.20 -4.85 0.98
N THR B 208 39.38 -4.24 0.88
CA THR B 208 39.51 -2.78 0.90
C THR B 208 40.28 -2.32 -0.32
N LYS B 209 39.71 -1.36 -1.04
CA LYS B 209 40.37 -0.71 -2.18
C LYS B 209 40.53 0.76 -1.84
N SER B 210 41.74 1.29 -2.05
CA SER B 210 42.06 2.63 -1.60
C SER B 210 42.92 3.36 -2.61
N PHE B 211 42.96 4.69 -2.46
CA PHE B 211 43.89 5.53 -3.19
C PHE B 211 44.34 6.65 -2.26
N ASN B 212 45.45 7.28 -2.62
CA ASN B 212 45.97 8.43 -1.90
C ASN B 212 45.77 9.69 -2.74
N ARG B 213 45.25 10.75 -2.11
CA ARG B 213 44.90 11.96 -2.83
C ARG B 213 46.14 12.60 -3.47
N GLY B 214 46.19 12.56 -4.80
CA GLY B 214 47.27 13.18 -5.54
C GLY B 214 48.39 12.25 -5.97
N GLU B 215 48.18 10.94 -5.96
CA GLU B 215 49.21 9.99 -6.36
C GLU B 215 48.78 9.21 -7.61
N THR C 7 -53.39 -2.93 32.58
CA THR C 7 -52.03 -2.56 32.97
C THR C 7 -51.01 -3.47 32.29
N ASN C 8 -50.93 -3.36 30.97
CA ASN C 8 -49.96 -4.14 30.21
C ASN C 8 -48.57 -3.53 30.33
N LEU C 9 -47.57 -4.40 30.48
CA LEU C 9 -46.18 -3.98 30.55
C LEU C 9 -45.53 -4.14 29.18
N CYS C 10 -44.71 -3.16 28.81
CA CYS C 10 -44.11 -3.16 27.49
C CYS C 10 -43.18 -4.36 27.32
N PRO C 11 -43.26 -5.08 26.19
CA PRO C 11 -42.46 -6.31 26.01
C PRO C 11 -41.00 -6.02 25.69
N PHE C 12 -40.25 -5.60 26.72
CA PHE C 12 -38.82 -5.39 26.58
C PHE C 12 -38.02 -6.66 26.79
N ASP C 13 -38.55 -7.60 27.59
CA ASP C 13 -37.85 -8.86 27.82
C ASP C 13 -37.74 -9.67 26.53
N GLU C 14 -38.79 -9.62 25.69
CA GLU C 14 -38.79 -10.38 24.45
C GLU C 14 -37.73 -9.87 23.47
N VAL C 15 -37.27 -8.63 23.62
CA VAL C 15 -36.31 -8.05 22.69
C VAL C 15 -34.88 -8.28 23.15
N PHE C 16 -34.58 -7.97 24.41
CA PHE C 16 -33.22 -8.13 24.92
C PHE C 16 -32.88 -9.60 25.18
N ASN C 17 -33.80 -10.34 25.80
CA ASN C 17 -33.55 -11.73 26.13
C ASN C 17 -33.96 -12.69 25.02
N ALA C 18 -34.04 -12.22 23.78
CA ALA C 18 -34.35 -13.10 22.66
C ALA C 18 -33.19 -14.06 22.42
N THR C 19 -33.51 -15.34 22.23
CA THR C 19 -32.47 -16.35 22.09
C THR C 19 -31.73 -16.21 20.76
N ARG C 20 -32.40 -15.74 19.72
CA ARG C 20 -31.80 -15.55 18.41
C ARG C 20 -32.11 -14.14 17.91
N PHE C 21 -31.07 -13.46 17.42
CA PHE C 21 -31.21 -12.13 16.83
C PHE C 21 -31.18 -12.23 15.31
N ALA C 22 -31.62 -11.16 14.67
CA ALA C 22 -31.66 -11.11 13.21
C ALA C 22 -30.36 -10.54 12.65
N SER C 23 -30.14 -10.78 11.36
CA SER C 23 -29.00 -10.19 10.68
C SER C 23 -29.21 -8.69 10.51
N VAL C 24 -28.11 -7.96 10.38
CA VAL C 24 -28.19 -6.50 10.34
C VAL C 24 -28.92 -6.03 9.08
N TYR C 25 -28.72 -6.75 7.97
CA TYR C 25 -29.37 -6.33 6.73
C TYR C 25 -30.89 -6.51 6.79
N ALA C 26 -31.35 -7.52 7.54
CA ALA C 26 -32.78 -7.72 7.73
C ALA C 26 -33.16 -7.53 9.19
N TRP C 27 -32.84 -6.36 9.74
CA TRP C 27 -33.04 -6.10 11.17
C TRP C 27 -34.52 -6.19 11.54
N ASN C 28 -34.78 -6.80 12.68
CA ASN C 28 -36.14 -6.92 13.20
C ASN C 28 -36.53 -5.67 13.97
N ARG C 29 -37.82 -5.34 13.91
CA ARG C 29 -38.39 -4.20 14.62
C ARG C 29 -39.65 -4.63 15.35
N LYS C 30 -39.71 -4.34 16.64
CA LYS C 30 -40.87 -4.66 17.48
C LYS C 30 -41.59 -3.36 17.81
N ARG C 31 -42.81 -3.22 17.29
CA ARG C 31 -43.62 -2.05 17.59
C ARG C 31 -44.20 -2.17 18.99
N ILE C 32 -43.86 -1.22 19.86
CA ILE C 32 -44.26 -1.24 21.26
C ILE C 32 -45.16 -0.03 21.51
N SER C 33 -46.38 -0.29 21.97
CA SER C 33 -47.35 0.76 22.19
C SER C 33 -48.40 0.27 23.18
N ASN C 34 -49.10 1.22 23.80
CA ASN C 34 -50.18 0.95 24.75
C ASN C 34 -49.70 0.04 25.89
N CYS C 35 -48.73 0.55 26.65
CA CYS C 35 -48.14 -0.26 27.71
C CYS C 35 -47.42 0.65 28.69
N VAL C 36 -47.10 0.08 29.85
CA VAL C 36 -46.36 0.74 30.91
C VAL C 36 -44.91 0.29 30.80
N ALA C 37 -44.01 1.24 30.55
CA ALA C 37 -42.60 0.95 30.31
C ALA C 37 -41.78 1.10 31.57
N ASP C 38 -40.88 0.14 31.81
CA ASP C 38 -39.96 0.18 32.94
C ASP C 38 -38.54 0.27 32.36
N TYR C 39 -37.99 1.47 32.34
CA TYR C 39 -36.63 1.69 31.85
C TYR C 39 -35.57 1.46 32.93
N SER C 40 -35.98 1.12 34.15
CA SER C 40 -35.04 0.83 35.23
C SER C 40 -34.33 -0.51 35.05
N VAL C 41 -34.89 -1.41 34.24
CA VAL C 41 -34.25 -2.70 34.01
C VAL C 41 -33.02 -2.60 33.12
N LEU C 42 -32.82 -1.45 32.44
CA LEU C 42 -31.78 -1.34 31.42
C LEU C 42 -30.58 -0.51 31.83
N TYR C 43 -30.76 0.44 32.75
CA TYR C 43 -29.77 1.48 33.01
C TYR C 43 -28.36 0.94 33.23
N ASN C 44 -28.19 0.07 34.22
CA ASN C 44 -26.87 -0.49 34.55
C ASN C 44 -26.93 -2.02 34.48
N PHE C 45 -26.58 -2.57 33.33
CA PHE C 45 -26.57 -4.02 33.14
C PHE C 45 -25.22 -4.61 33.48
N ALA C 46 -24.81 -5.70 32.80
CA ALA C 46 -23.55 -6.33 33.16
C ALA C 46 -22.48 -6.08 32.09
N PRO C 47 -22.67 -6.50 30.82
CA PRO C 47 -21.64 -6.22 29.81
C PRO C 47 -22.03 -5.13 28.84
N PHE C 48 -22.98 -4.27 29.20
CA PHE C 48 -23.48 -3.25 28.29
C PHE C 48 -22.36 -2.36 27.79
N PHE C 49 -21.80 -2.72 26.63
CA PHE C 49 -20.67 -2.01 26.06
C PHE C 49 -21.06 -0.64 25.52
N ALA C 50 -22.34 -0.44 25.19
CA ALA C 50 -22.82 0.84 24.67
C ALA C 50 -24.21 1.13 25.20
N PHE C 51 -24.41 2.35 25.70
CA PHE C 51 -25.71 2.85 26.11
C PHE C 51 -25.71 4.35 25.84
N LYS C 52 -25.50 4.70 24.57
CA LYS C 52 -25.50 6.10 24.14
C LYS C 52 -26.90 6.51 23.73
N CYS C 53 -27.38 7.61 24.30
CA CYS C 53 -28.68 8.17 23.98
C CYS C 53 -28.49 9.46 23.18
N TYR C 54 -29.44 9.72 22.28
CA TYR C 54 -29.37 10.89 21.40
C TYR C 54 -30.73 11.59 21.42
N GLY C 55 -30.71 12.90 21.65
CA GLY C 55 -31.90 13.70 21.65
C GLY C 55 -32.77 13.60 22.88
N VAL C 56 -32.47 12.66 23.78
CA VAL C 56 -33.27 12.47 24.98
C VAL C 56 -32.38 11.91 26.08
N SER C 57 -32.67 12.27 27.32
CA SER C 57 -31.89 11.80 28.46
C SER C 57 -32.52 10.55 29.07
N PRO C 58 -31.70 9.61 29.55
CA PRO C 58 -32.28 8.38 30.12
C PRO C 58 -33.04 8.61 31.41
N THR C 59 -32.53 9.51 32.27
CA THR C 59 -33.18 9.77 33.55
C THR C 59 -34.52 10.47 33.40
N LYS C 60 -34.86 10.97 32.22
CA LYS C 60 -36.13 11.64 31.97
C LYS C 60 -37.12 10.77 31.21
N LEU C 61 -36.74 9.55 30.83
CA LEU C 61 -37.64 8.69 30.07
C LEU C 61 -38.82 8.22 30.91
N ASN C 62 -38.63 8.08 32.23
CA ASN C 62 -39.74 7.68 33.09
C ASN C 62 -40.78 8.78 33.26
N ASP C 63 -40.44 10.02 32.89
CA ASP C 63 -41.34 11.15 33.01
C ASP C 63 -41.91 11.59 31.68
N LEU C 64 -41.65 10.83 30.60
CA LEU C 64 -42.12 11.17 29.27
C LEU C 64 -43.05 10.08 28.74
N CYS C 65 -44.09 10.51 28.06
CA CYS C 65 -45.01 9.61 27.36
C CYS C 65 -44.80 9.76 25.87
N PHE C 66 -44.75 8.62 25.16
CA PHE C 66 -44.49 8.60 23.74
C PHE C 66 -45.64 7.94 23.00
N THR C 67 -45.74 8.24 21.70
CA THR C 67 -46.80 7.68 20.87
C THR C 67 -46.50 6.24 20.49
N ASN C 68 -45.30 5.99 19.97
CA ASN C 68 -44.85 4.64 19.62
C ASN C 68 -43.36 4.54 19.89
N VAL C 69 -42.95 3.39 20.41
CA VAL C 69 -41.54 3.11 20.70
C VAL C 69 -41.13 1.90 19.88
N TYR C 70 -40.15 2.08 19.00
CA TYR C 70 -39.72 1.04 18.09
C TYR C 70 -38.44 0.40 18.60
N ALA C 71 -38.45 -0.93 18.72
CA ALA C 71 -37.31 -1.69 19.21
C ALA C 71 -36.67 -2.43 18.03
N ASP C 72 -35.57 -1.90 17.54
CA ASP C 72 -34.81 -2.50 16.45
C ASP C 72 -33.66 -3.33 17.03
N SER C 73 -33.55 -4.57 16.59
CA SER C 73 -32.53 -5.49 17.07
C SER C 73 -31.87 -6.20 15.90
N PHE C 74 -30.56 -6.39 16.01
CA PHE C 74 -29.75 -7.03 14.98
C PHE C 74 -28.38 -7.33 15.58
N VAL C 75 -27.48 -7.86 14.76
CA VAL C 75 -26.15 -8.26 15.20
C VAL C 75 -25.12 -7.74 14.20
N ILE C 76 -24.07 -7.10 14.71
CA ILE C 76 -22.92 -6.66 13.94
C ILE C 76 -21.66 -7.01 14.70
N ARG C 77 -20.51 -6.66 14.15
CA ARG C 77 -19.25 -6.88 14.84
C ARG C 77 -18.92 -5.68 15.73
N GLY C 78 -17.90 -5.85 16.56
CA GLY C 78 -17.55 -4.79 17.50
C GLY C 78 -17.03 -3.54 16.82
N ASN C 79 -16.26 -3.70 15.74
CA ASN C 79 -15.73 -2.56 15.02
C ASN C 79 -16.79 -1.79 14.25
N GLU C 80 -18.04 -2.27 14.23
CA GLU C 80 -19.11 -1.62 13.48
C GLU C 80 -20.18 -1.01 14.37
N VAL C 81 -20.05 -1.12 15.70
CA VAL C 81 -21.06 -0.56 16.59
C VAL C 81 -21.02 0.96 16.55
N SER C 82 -19.84 1.55 16.30
CA SER C 82 -19.74 3.00 16.22
C SER C 82 -20.58 3.59 15.09
N GLN C 83 -20.94 2.76 14.10
CA GLN C 83 -21.75 3.26 12.99
C GLN C 83 -23.23 3.36 13.34
N ILE C 84 -23.70 2.59 14.33
CA ILE C 84 -25.10 2.66 14.76
C ILE C 84 -25.28 3.93 15.58
N ALA C 85 -25.33 5.07 14.91
CA ALA C 85 -25.42 6.37 15.55
C ALA C 85 -25.80 7.39 14.48
N PRO C 86 -26.41 8.51 14.88
CA PRO C 86 -26.79 9.52 13.89
C PRO C 86 -25.56 10.14 13.22
N GLY C 87 -25.66 10.31 11.90
CA GLY C 87 -24.61 10.97 11.14
C GLY C 87 -23.35 10.14 11.01
N GLN C 88 -23.49 8.86 10.68
CA GLN C 88 -22.36 7.96 10.54
C GLN C 88 -22.35 7.35 9.14
N THR C 89 -21.15 7.00 8.68
CA THR C 89 -20.96 6.41 7.36
C THR C 89 -20.18 5.10 7.50
N GLY C 90 -20.36 4.23 6.50
CA GLY C 90 -19.74 2.92 6.49
C GLY C 90 -20.64 1.88 5.85
N ASN C 91 -20.19 0.63 5.79
CA ASN C 91 -21.00 -0.40 5.13
C ASN C 91 -22.27 -0.70 5.91
N ILE C 92 -22.20 -0.69 7.24
CA ILE C 92 -23.39 -0.93 8.06
C ILE C 92 -24.33 0.25 7.97
N ALA C 93 -23.81 1.46 8.16
CA ALA C 93 -24.67 2.64 8.22
C ALA C 93 -25.31 2.93 6.86
N ASP C 94 -24.54 2.82 5.78
CA ASP C 94 -25.05 3.19 4.46
C ASP C 94 -25.88 2.08 3.82
N TYR C 95 -25.56 0.81 4.09
CA TYR C 95 -26.12 -0.30 3.33
C TYR C 95 -26.92 -1.29 4.16
N ASN C 96 -27.05 -1.09 5.47
CA ASN C 96 -27.74 -2.09 6.30
C ASN C 96 -28.75 -1.47 7.25
N TYR C 97 -28.29 -0.59 8.13
CA TYR C 97 -29.16 0.06 9.11
C TYR C 97 -28.70 1.50 9.29
N LYS C 98 -29.54 2.45 8.90
CA LYS C 98 -29.23 3.87 8.97
C LYS C 98 -30.14 4.55 9.98
N LEU C 99 -29.55 5.37 10.85
CA LEU C 99 -30.26 6.22 11.79
C LEU C 99 -30.29 7.65 11.28
N PRO C 100 -31.41 8.35 11.43
CA PRO C 100 -31.50 9.73 10.91
C PRO C 100 -30.60 10.67 11.70
N ASP C 101 -30.40 11.86 11.13
CA ASP C 101 -29.55 12.86 11.79
C ASP C 101 -30.21 13.42 13.04
N ASP C 102 -31.53 13.57 13.04
CA ASP C 102 -32.27 14.02 14.22
C ASP C 102 -32.83 12.84 15.01
N PHE C 103 -32.03 11.77 15.15
CA PHE C 103 -32.49 10.58 15.84
C PHE C 103 -32.76 10.88 17.31
N THR C 104 -33.93 10.48 17.78
CA THR C 104 -34.33 10.63 19.17
C THR C 104 -34.49 9.24 19.76
N GLY C 105 -33.55 8.84 20.61
CA GLY C 105 -33.59 7.53 21.22
C GLY C 105 -32.23 7.15 21.77
N CYS C 106 -32.11 5.87 22.11
CA CYS C 106 -30.90 5.32 22.68
C CYS C 106 -30.47 4.08 21.90
N VAL C 107 -29.17 3.82 21.89
CA VAL C 107 -28.60 2.65 21.25
C VAL C 107 -27.93 1.81 22.33
N ILE C 108 -28.20 0.51 22.34
CA ILE C 108 -27.67 -0.42 23.33
C ILE C 108 -26.98 -1.56 22.62
N ALA C 109 -25.75 -1.87 23.05
CA ALA C 109 -24.97 -2.96 22.47
C ALA C 109 -24.17 -3.65 23.57
N TRP C 110 -23.97 -4.95 23.40
CA TRP C 110 -23.20 -5.75 24.34
C TRP C 110 -22.54 -6.91 23.62
N ASN C 111 -21.38 -7.29 24.11
CA ASN C 111 -20.62 -8.39 23.51
C ASN C 111 -21.35 -9.71 23.73
N SER C 112 -21.69 -10.38 22.64
CA SER C 112 -22.37 -11.67 22.69
C SER C 112 -21.50 -12.76 22.04
N ASN C 113 -20.21 -12.76 22.38
CA ASN C 113 -19.31 -13.77 21.84
C ASN C 113 -19.64 -15.16 22.38
N LYS C 114 -20.19 -15.24 23.59
CA LYS C 114 -20.56 -16.50 24.19
C LYS C 114 -21.88 -17.06 23.68
N LEU C 115 -22.55 -16.35 22.79
CA LEU C 115 -23.87 -16.76 22.28
C LEU C 115 -23.91 -16.94 20.78
N ASP C 116 -23.27 -16.05 20.02
CA ASP C 116 -23.42 -16.02 18.56
C ASP C 116 -22.15 -16.42 17.83
N SER C 117 -21.18 -17.04 18.50
CA SER C 117 -19.94 -17.49 17.87
C SER C 117 -19.79 -18.98 18.09
N LYS C 118 -19.55 -19.71 16.99
CA LYS C 118 -19.35 -21.15 17.03
C LYS C 118 -17.95 -21.48 16.54
N VAL C 119 -17.34 -22.50 17.14
CA VAL C 119 -16.07 -22.99 16.62
C VAL C 119 -16.32 -23.57 15.23
N GLY C 120 -15.64 -23.01 14.23
CA GLY C 120 -15.91 -23.29 12.85
C GLY C 120 -16.53 -22.13 12.12
N GLY C 121 -17.14 -21.20 12.84
CA GLY C 121 -17.73 -20.02 12.24
C GLY C 121 -19.24 -20.04 12.19
N ASN C 122 -19.88 -19.05 12.81
CA ASN C 122 -21.33 -18.88 12.74
C ASN C 122 -21.63 -18.08 11.48
N TYR C 123 -21.81 -18.78 10.36
CA TYR C 123 -22.13 -18.15 9.09
C TYR C 123 -23.60 -17.81 8.93
N ASN C 124 -24.39 -17.85 10.02
CA ASN C 124 -25.81 -17.55 9.93
C ASN C 124 -26.08 -16.06 9.86
N TYR C 125 -25.29 -15.25 10.55
CA TYR C 125 -25.46 -13.79 10.51
C TYR C 125 -24.83 -13.24 9.24
N LEU C 126 -25.57 -12.41 8.52
CA LEU C 126 -25.13 -11.86 7.24
C LEU C 126 -25.11 -10.34 7.31
N TYR C 127 -24.54 -9.74 6.27
CA TYR C 127 -24.54 -8.30 6.11
C TYR C 127 -24.46 -7.99 4.62
N ARG C 128 -24.95 -6.80 4.25
CA ARG C 128 -24.94 -6.35 2.87
C ARG C 128 -23.63 -5.66 2.56
N LEU C 129 -22.97 -6.08 1.49
CA LEU C 129 -21.69 -5.50 1.08
C LEU C 129 -21.84 -4.50 -0.07
N PHE C 130 -22.68 -4.80 -1.05
CA PHE C 130 -22.83 -3.96 -2.23
C PHE C 130 -24.25 -3.41 -2.31
N ARG C 131 -24.36 -2.13 -2.65
CA ARG C 131 -25.63 -1.49 -2.89
C ARG C 131 -25.41 -0.26 -3.75
N LYS C 132 -26.32 -0.03 -4.70
CA LYS C 132 -26.13 1.05 -5.67
C LYS C 132 -26.17 2.43 -5.00
N SER C 133 -26.97 2.58 -3.95
CA SER C 133 -27.10 3.86 -3.27
C SER C 133 -27.22 3.62 -1.77
N ASN C 134 -27.15 4.70 -1.00
CA ASN C 134 -27.21 4.61 0.45
C ASN C 134 -28.66 4.44 0.92
N LEU C 135 -28.79 3.89 2.12
CA LEU C 135 -30.10 3.66 2.73
C LEU C 135 -30.63 4.94 3.35
N LYS C 136 -31.93 5.16 3.16
CA LYS C 136 -32.63 6.20 3.90
C LYS C 136 -32.73 5.78 5.37
N PRO C 137 -33.00 6.74 6.26
CA PRO C 137 -33.16 6.37 7.69
C PRO C 137 -34.27 5.35 7.89
N PHE C 138 -33.97 4.31 8.65
CA PHE C 138 -34.92 3.25 9.00
C PHE C 138 -35.39 2.48 7.78
N GLU C 139 -34.53 2.31 6.78
CA GLU C 139 -34.84 1.54 5.59
C GLU C 139 -34.28 0.14 5.72
N ARG C 140 -35.09 -0.86 5.38
CA ARG C 140 -34.72 -2.26 5.46
C ARG C 140 -34.75 -2.85 4.04
N ASP C 141 -33.59 -3.23 3.54
CA ASP C 141 -33.45 -3.81 2.20
C ASP C 141 -33.07 -5.28 2.35
N ILE C 142 -34.01 -6.18 2.04
CA ILE C 142 -33.77 -7.61 2.09
C ILE C 142 -33.55 -8.20 0.71
N SER C 143 -33.33 -7.37 -0.30
CA SER C 143 -33.16 -7.85 -1.66
C SER C 143 -31.84 -8.62 -1.80
N THR C 144 -31.89 -9.72 -2.56
CA THR C 144 -30.72 -10.55 -2.82
C THR C 144 -30.42 -10.63 -4.32
N GLU C 145 -30.74 -9.57 -5.07
CA GLU C 145 -30.47 -9.55 -6.49
C GLU C 145 -28.97 -9.42 -6.74
N ILE C 146 -28.51 -10.04 -7.82
CA ILE C 146 -27.09 -10.01 -8.16
C ILE C 146 -26.68 -8.58 -8.46
N TYR C 147 -25.76 -8.04 -7.66
CA TYR C 147 -25.32 -6.66 -7.82
C TYR C 147 -24.51 -6.50 -9.10
N GLN C 148 -24.84 -5.48 -9.88
CA GLN C 148 -24.16 -5.20 -11.14
C GLN C 148 -23.06 -4.18 -10.91
N ALA C 149 -21.80 -4.64 -10.93
CA ALA C 149 -20.65 -3.78 -10.74
C ALA C 149 -20.02 -3.34 -12.05
N GLY C 150 -20.48 -3.86 -13.19
CA GLY C 150 -19.95 -3.46 -14.47
C GLY C 150 -21.02 -2.93 -15.40
N ASN C 151 -20.75 -2.96 -16.71
CA ASN C 151 -21.73 -2.53 -17.70
C ASN C 151 -22.51 -3.68 -18.32
N LYS C 152 -22.00 -4.90 -18.26
CA LYS C 152 -22.73 -6.04 -18.78
C LYS C 152 -23.81 -6.47 -17.80
N PRO C 153 -25.03 -6.74 -18.27
CA PRO C 153 -26.10 -7.13 -17.34
C PRO C 153 -25.82 -8.49 -16.70
N CYS C 154 -26.26 -8.64 -15.46
CA CYS C 154 -25.98 -9.86 -14.71
C CYS C 154 -26.98 -10.95 -15.04
N ASN C 155 -28.28 -10.63 -15.04
CA ASN C 155 -29.34 -11.61 -15.29
C ASN C 155 -29.28 -12.77 -14.30
N GLY C 156 -28.91 -12.46 -13.06
CA GLY C 156 -28.90 -13.45 -12.01
C GLY C 156 -27.82 -14.50 -12.10
N VAL C 157 -26.67 -14.15 -12.68
CA VAL C 157 -25.56 -15.09 -12.86
C VAL C 157 -24.38 -14.56 -12.07
N ALA C 158 -24.06 -15.25 -10.98
CA ALA C 158 -22.93 -14.85 -10.14
C ALA C 158 -21.61 -15.11 -10.87
N GLY C 159 -20.73 -14.11 -10.84
CA GLY C 159 -19.44 -14.23 -11.50
C GLY C 159 -18.61 -12.97 -11.42
N PHE C 160 -18.13 -12.49 -12.56
CA PHE C 160 -17.30 -11.30 -12.62
C PHE C 160 -18.15 -10.06 -12.83
N ASN C 161 -17.87 -9.01 -12.05
CA ASN C 161 -18.64 -7.78 -12.06
C ASN C 161 -20.11 -8.01 -11.72
N CYS C 162 -20.43 -9.23 -11.26
CA CYS C 162 -21.79 -9.61 -10.88
C CYS C 162 -21.66 -10.47 -9.63
N TYR C 163 -21.85 -9.84 -8.47
CA TYR C 163 -21.59 -10.49 -7.19
C TYR C 163 -22.84 -10.52 -6.34
N PHE C 164 -22.92 -11.55 -5.51
CA PHE C 164 -24.01 -11.66 -4.55
C PHE C 164 -23.89 -10.54 -3.52
N PRO C 165 -24.96 -9.80 -3.22
CA PRO C 165 -24.83 -8.59 -2.40
C PRO C 165 -24.66 -8.86 -0.91
N LEU C 166 -24.81 -10.11 -0.45
CA LEU C 166 -24.72 -10.42 0.96
C LEU C 166 -23.46 -11.23 1.25
N ARG C 167 -22.99 -11.12 2.49
CA ARG C 167 -21.74 -11.75 2.91
C ARG C 167 -21.89 -12.17 4.37
N SER C 168 -21.23 -13.27 4.72
CA SER C 168 -21.32 -13.82 6.06
C SER C 168 -20.29 -13.18 7.00
N TYR C 169 -20.61 -13.21 8.30
CA TYR C 169 -19.71 -12.72 9.33
C TYR C 169 -18.72 -13.80 9.79
N GLY C 170 -19.18 -15.04 9.94
CA GLY C 170 -18.32 -16.12 10.36
C GLY C 170 -17.75 -15.93 11.75
N PHE C 171 -18.62 -15.68 12.73
CA PHE C 171 -18.19 -15.36 14.07
C PHE C 171 -17.54 -16.58 14.73
N ARG C 172 -16.25 -16.47 15.02
CA ARG C 172 -15.52 -17.50 15.74
C ARG C 172 -15.17 -16.99 17.13
N PRO C 173 -15.26 -17.85 18.15
CA PRO C 173 -15.00 -17.38 19.53
C PRO C 173 -13.56 -16.93 19.76
N THR C 174 -12.63 -17.32 18.90
CA THR C 174 -11.24 -16.92 19.04
C THR C 174 -10.92 -15.59 18.38
N TYR C 175 -11.92 -14.94 17.77
CA TYR C 175 -11.69 -13.68 17.07
C TYR C 175 -11.33 -12.57 18.06
N GLY C 176 -10.82 -11.47 17.51
CA GLY C 176 -10.58 -10.29 18.30
C GLY C 176 -11.89 -9.61 18.69
N VAL C 177 -11.78 -8.73 19.69
CA VAL C 177 -12.97 -8.10 20.26
C VAL C 177 -13.75 -7.35 19.18
N GLY C 178 -13.05 -6.65 18.29
CA GLY C 178 -13.72 -5.89 17.26
C GLY C 178 -14.45 -6.74 16.24
N HIS C 179 -14.00 -7.98 16.04
CA HIS C 179 -14.62 -8.90 15.10
C HIS C 179 -15.57 -9.88 15.77
N GLN C 180 -15.75 -9.79 17.08
CA GLN C 180 -16.69 -10.63 17.80
C GLN C 180 -18.12 -10.08 17.65
N PRO C 181 -19.13 -10.94 17.75
CA PRO C 181 -20.50 -10.47 17.56
C PRO C 181 -20.97 -9.59 18.71
N TYR C 182 -21.72 -8.54 18.36
CA TYR C 182 -22.34 -7.65 19.32
C TYR C 182 -23.82 -7.52 18.98
N ARG C 183 -24.68 -7.78 19.96
CA ARG C 183 -26.11 -7.62 19.79
C ARG C 183 -26.51 -6.17 20.10
N VAL C 184 -27.18 -5.54 19.15
CA VAL C 184 -27.55 -4.13 19.24
C VAL C 184 -29.07 -4.04 19.36
N VAL C 185 -29.53 -3.15 20.24
CA VAL C 185 -30.95 -2.85 20.40
C VAL C 185 -31.10 -1.33 20.32
N VAL C 186 -31.78 -0.86 19.27
CA VAL C 186 -31.99 0.57 19.04
C VAL C 186 -33.44 0.90 19.38
N LEU C 187 -33.63 1.78 20.35
CA LEU C 187 -34.96 2.17 20.81
C LEU C 187 -35.25 3.59 20.30
N SER C 188 -36.23 3.69 19.39
CA SER C 188 -36.66 4.96 18.85
C SER C 188 -37.88 5.46 19.60
N PHE C 189 -37.85 6.72 20.03
CA PHE C 189 -38.95 7.34 20.75
C PHE C 189 -39.64 8.34 19.84
N GLU C 190 -40.85 8.02 19.40
CA GLU C 190 -41.58 8.82 18.45
C GLU C 190 -42.68 9.61 19.16
N LEU C 191 -42.78 10.92 18.83
CA LEU C 191 -43.80 11.79 19.39
C LEU C 191 -44.29 12.72 18.25
N LEU C 192 -45.11 12.16 17.38
CA LEU C 192 -45.65 12.87 16.23
C LEU C 192 -47.07 13.33 16.54
N HIS C 193 -47.76 13.87 15.52
CA HIS C 193 -49.21 14.07 15.50
C HIS C 193 -49.97 12.93 16.17
N ALA C 194 -49.85 12.75 17.48
CA ALA C 194 -50.46 11.57 18.08
C ALA C 194 -50.61 11.76 19.59
N PRO C 195 -51.57 11.10 20.22
CA PRO C 195 -51.59 11.02 21.68
C PRO C 195 -50.59 9.97 22.16
N ALA C 196 -50.05 10.23 23.35
CA ALA C 196 -48.97 9.39 23.86
C ALA C 196 -49.54 8.27 24.70
N THR C 197 -49.04 7.05 24.46
CA THR C 197 -49.52 5.85 25.15
C THR C 197 -48.42 5.03 25.82
N VAL C 198 -47.16 5.19 25.44
CA VAL C 198 -46.06 4.47 26.08
C VAL C 198 -45.50 5.40 27.14
N CYS C 199 -46.07 5.33 28.34
CA CYS C 199 -45.62 6.14 29.46
C CYS C 199 -44.70 5.32 30.37
N GLY C 200 -44.09 6.02 31.32
CA GLY C 200 -43.19 5.37 32.25
C GLY C 200 -43.76 5.24 33.65
N LYS C 201 -43.18 4.35 34.46
CA LYS C 201 -43.61 4.16 35.83
C LYS C 201 -42.53 3.47 36.65
#